data_6I9C
#
_entry.id   6I9C
#
_cell.length_a   43.260
_cell.length_b   72.437
_cell.length_c   93.732
_cell.angle_alpha   90.000
_cell.angle_beta   90.000
_cell.angle_gamma   90.000
#
_symmetry.space_group_name_H-M   'P 21 21 21'
#
loop_
_entity.id
_entity.type
_entity.pdbx_description
1 polymer 'Ubiquitin thioesterase otulin'
2 non-polymer GLYCEROL
3 non-polymer 'CHLORIDE ION'
4 water water
#
_entity_poly.entity_id   1
_entity_poly.type   'polypeptide(L)'
_entity_poly.pdbx_seq_one_letter_code
;GPLSVAPEMDIMDYCKKEWRGNTQKATCMKMGYEEVSQKFTSIRRVRGDNYCALRATLFQAMSQAVGLPPWLQDPELMLL
PEKLISKYNWIKQWKLGLKFDGKNEDLVDKIKESLTLLRKKWAGLAEMRTAEARQIACDELFTNEAEEYSLYEAVKFLML
NRAIELYNDKEKGKEVPFFSVLLFARDTSNDPGQLLRNHLNQVRHTGGLEQVEMFLLAYAVRHTIQVYRLSKYNTEEFIT
VYPTDPPKDWPVVTLIAEDDRHYNIPVR
;
_entity_poly.pdbx_strand_id   A
#
loop_
_chem_comp.id
_chem_comp.type
_chem_comp.name
_chem_comp.formula
CL non-polymer 'CHLORIDE ION' 'Cl -1'
GOL non-polymer GLYCEROL 'C3 H8 O3'
#
# COMPACT_ATOMS: atom_id res chain seq x y z
N GLY A 1 -18.15 -10.68 -4.06
CA GLY A 1 -17.67 -10.39 -5.40
C GLY A 1 -16.51 -11.30 -5.77
N PRO A 2 -15.95 -11.13 -6.96
CA PRO A 2 -14.77 -11.91 -7.34
C PRO A 2 -13.52 -11.39 -6.63
N LEU A 3 -12.53 -12.28 -6.51
CA LEU A 3 -11.23 -11.88 -5.98
C LEU A 3 -10.69 -10.65 -6.67
N SER A 4 -10.11 -9.73 -5.88
CA SER A 4 -9.36 -8.59 -6.42
C SER A 4 -7.85 -8.81 -6.41
N VAL A 5 -7.40 -9.94 -5.88
CA VAL A 5 -6.02 -10.40 -5.95
C VAL A 5 -6.08 -11.81 -6.51
N ALA A 6 -5.59 -11.99 -7.73
CA ALA A 6 -5.88 -13.19 -8.48
C ALA A 6 -5.16 -14.41 -7.89
N PRO A 7 -5.73 -15.60 -8.04
CA PRO A 7 -5.04 -16.81 -7.59
C PRO A 7 -3.62 -16.87 -8.17
N GLU A 8 -2.71 -17.41 -7.39
CA GLU A 8 -1.30 -17.40 -7.79
C GLU A 8 -1.07 -18.24 -9.02
N MET A 9 -0.04 -17.85 -9.78
CA MET A 9 0.47 -18.65 -10.89
C MET A 9 1.98 -18.58 -10.89
N ASP A 10 2.60 -19.53 -11.60
CA ASP A 10 4.06 -19.51 -11.77
C ASP A 10 4.51 -18.18 -12.38
N ILE A 11 5.56 -17.60 -11.79
CA ILE A 11 5.95 -16.25 -12.17
C ILE A 11 6.56 -16.22 -13.58
N MET A 12 7.28 -17.26 -13.98
CA MET A 12 7.82 -17.24 -15.33
C MET A 12 6.75 -17.59 -16.38
N ASP A 13 5.76 -18.40 -16.02
CA ASP A 13 4.60 -18.56 -16.91
C ASP A 13 3.90 -17.22 -17.12
N TYR A 14 3.76 -16.44 -16.06
CA TYR A 14 3.18 -15.11 -16.19
C TYR A 14 4.00 -14.24 -17.13
N CYS A 15 5.32 -14.22 -16.92
CA CYS A 15 6.20 -13.39 -17.73
C CYS A 15 6.11 -13.78 -19.21
N LYS A 16 6.10 -15.08 -19.50
CA LYS A 16 6.04 -15.56 -20.87
C LYS A 16 4.73 -15.20 -21.56
N LYS A 17 3.63 -15.14 -20.80
CA LYS A 17 2.35 -14.70 -21.36
C LYS A 17 2.35 -13.21 -21.66
N GLU A 18 2.86 -12.40 -20.73
CA GLU A 18 2.75 -10.95 -20.87
C GLU A 18 3.80 -10.35 -21.80
N TRP A 19 5.01 -10.91 -21.83
CA TRP A 19 6.14 -10.24 -22.46
C TRP A 19 6.68 -11.14 -23.58
N ARG A 20 6.26 -10.83 -24.79
CA ARG A 20 6.67 -11.60 -25.96
CA ARG A 20 6.57 -11.57 -26.01
C ARG A 20 7.37 -10.68 -26.95
N GLY A 21 8.10 -11.31 -27.86
CA GLY A 21 8.81 -10.56 -28.88
C GLY A 21 10.12 -10.00 -28.39
N ASN A 22 10.74 -9.18 -29.25
CA ASN A 22 12.16 -8.83 -29.11
C ASN A 22 12.40 -7.35 -28.84
N THR A 23 11.39 -6.60 -28.37
CA THR A 23 11.64 -5.20 -28.02
C THR A 23 12.55 -5.12 -26.81
N GLN A 24 13.29 -4.01 -26.72
CA GLN A 24 14.16 -3.82 -25.57
C GLN A 24 13.36 -3.82 -24.28
N LYS A 25 12.16 -3.23 -24.31
CA LYS A 25 11.26 -3.27 -23.16
C LYS A 25 10.95 -4.71 -22.75
N ALA A 26 10.49 -5.53 -23.69
CA ALA A 26 10.17 -6.91 -23.38
C ALA A 26 11.38 -7.65 -22.80
N THR A 27 12.57 -7.40 -23.38
CA THR A 27 13.76 -8.06 -22.88
C THR A 27 14.07 -7.64 -21.45
N CYS A 28 13.94 -6.35 -21.14
CA CYS A 28 14.17 -5.87 -19.79
C CYS A 28 13.17 -6.46 -18.80
N MET A 29 11.90 -6.56 -19.17
CA MET A 29 10.91 -7.16 -18.27
C MET A 29 11.23 -8.63 -18.02
N LYS A 30 11.63 -9.37 -19.06
CA LYS A 30 12.00 -10.77 -18.89
CA LYS A 30 11.98 -10.76 -18.87
C LYS A 30 13.16 -10.91 -17.91
N MET A 31 14.21 -10.10 -18.09
CA MET A 31 15.32 -10.13 -17.14
C MET A 31 14.83 -9.81 -15.73
N GLY A 32 13.91 -8.85 -15.62
CA GLY A 32 13.36 -8.49 -14.33
C GLY A 32 12.67 -9.65 -13.63
N TYR A 33 11.77 -10.35 -14.35
CA TYR A 33 11.07 -11.46 -13.74
C TYR A 33 12.01 -12.63 -13.47
N GLU A 34 13.02 -12.82 -14.33
CA GLU A 34 14.02 -13.86 -14.06
C GLU A 34 14.71 -13.61 -12.73
N GLU A 35 15.04 -12.36 -12.43
CA GLU A 35 15.68 -12.04 -11.15
C GLU A 35 14.72 -12.26 -9.99
N VAL A 36 13.46 -11.83 -10.12
CA VAL A 36 12.50 -12.05 -9.05
C VAL A 36 12.32 -13.55 -8.79
N SER A 37 12.33 -14.36 -9.85
CA SER A 37 12.09 -15.80 -9.75
CA SER A 37 12.07 -15.79 -9.73
C SER A 37 13.15 -16.52 -8.95
N GLN A 38 14.29 -15.89 -8.70
CA GLN A 38 15.30 -16.54 -7.86
C GLN A 38 14.83 -16.65 -6.42
N LYS A 39 13.95 -15.74 -5.97
CA LYS A 39 13.48 -15.74 -4.60
C LYS A 39 12.01 -16.08 -4.42
N PHE A 40 11.19 -15.92 -5.46
CA PHE A 40 9.75 -16.16 -5.41
C PHE A 40 9.34 -17.00 -6.61
N THR A 41 8.58 -18.06 -6.37
CA THR A 41 8.15 -18.96 -7.43
C THR A 41 6.90 -18.48 -8.15
N SER A 42 6.06 -17.70 -7.49
CA SER A 42 4.72 -17.43 -7.98
C SER A 42 4.41 -15.95 -7.88
N ILE A 43 3.29 -15.56 -8.51
CA ILE A 43 2.89 -14.17 -8.55
C ILE A 43 1.36 -14.13 -8.45
N ARG A 44 0.84 -13.10 -7.78
CA ARG A 44 -0.60 -12.85 -7.75
C ARG A 44 -0.86 -11.49 -8.38
N ARG A 45 -1.71 -11.47 -9.40
CA ARG A 45 -2.05 -10.25 -10.10
C ARG A 45 -3.04 -9.42 -9.31
N VAL A 46 -2.69 -8.18 -9.04
CA VAL A 46 -3.48 -7.27 -8.20
C VAL A 46 -4.35 -6.40 -9.10
N ARG A 47 -5.62 -6.24 -8.74
CA ARG A 47 -6.53 -5.42 -9.54
C ARG A 47 -5.95 -4.04 -9.77
N GLY A 48 -5.93 -3.63 -11.02
CA GLY A 48 -5.28 -2.39 -11.42
C GLY A 48 -6.17 -1.18 -11.44
N ASP A 49 -6.91 -0.96 -10.36
CA ASP A 49 -7.71 0.24 -10.21
C ASP A 49 -6.87 1.28 -9.48
N ASN A 50 -7.52 2.35 -9.01
CA ASN A 50 -6.80 3.41 -8.32
C ASN A 50 -6.27 2.99 -6.96
N TYR A 51 -6.70 1.84 -6.44
CA TYR A 51 -6.23 1.36 -5.15
C TYR A 51 -5.13 0.30 -5.26
N CYS A 52 -4.53 0.14 -6.44
CA CYS A 52 -3.66 -1.00 -6.70
CA CYS A 52 -3.67 -1.02 -6.69
C CYS A 52 -2.52 -1.09 -5.70
N ALA A 53 -1.85 0.05 -5.46
CA ALA A 53 -0.74 0.06 -4.51
C ALA A 53 -1.20 -0.29 -3.09
N LEU A 54 -2.34 0.26 -2.65
CA LEU A 54 -2.85 -0.05 -1.31
C LEU A 54 -3.26 -1.51 -1.21
N ARG A 55 -3.94 -2.01 -2.24
CA ARG A 55 -4.36 -3.40 -2.26
C ARG A 55 -3.16 -4.33 -2.16
N ALA A 56 -2.14 -4.08 -2.97
CA ALA A 56 -0.96 -4.95 -3.01
C ALA A 56 -0.27 -4.96 -1.65
N THR A 57 -0.06 -3.77 -1.09
CA THR A 57 0.64 -3.66 0.19
C THR A 57 -0.17 -4.29 1.32
N LEU A 58 -1.47 -3.98 1.39
CA LEU A 58 -2.30 -4.48 2.48
CA LEU A 58 -2.31 -4.49 2.49
C LEU A 58 -2.50 -6.00 2.38
N PHE A 59 -2.67 -6.52 1.17
CA PHE A 59 -2.83 -7.96 1.05
C PHE A 59 -1.58 -8.69 1.56
N GLN A 60 -0.40 -8.20 1.18
CA GLN A 60 0.84 -8.81 1.66
C GLN A 60 0.95 -8.68 3.17
N ALA A 61 0.76 -7.47 3.68
CA ALA A 61 0.94 -7.22 5.11
C ALA A 61 0.00 -8.07 5.94
N MET A 62 -1.27 -8.14 5.53
CA MET A 62 -2.26 -8.85 6.32
C MET A 62 -2.12 -10.37 6.16
N SER A 63 -1.85 -10.83 4.94
CA SER A 63 -1.70 -12.28 4.78
CA SER A 63 -1.63 -12.27 4.71
C SER A 63 -0.46 -12.80 5.51
N GLN A 64 0.50 -11.95 5.83
CA GLN A 64 1.70 -12.33 6.55
C GLN A 64 1.66 -11.97 8.03
N ALA A 65 0.50 -11.52 8.53
CA ALA A 65 0.41 -11.01 9.90
C ALA A 65 0.51 -12.14 10.91
N VAL A 66 1.53 -12.11 11.77
CA VAL A 66 1.62 -13.05 12.88
C VAL A 66 1.37 -12.38 14.21
N GLY A 67 1.29 -11.06 14.26
CA GLY A 67 0.90 -10.35 15.46
C GLY A 67 0.16 -9.09 15.07
N LEU A 68 -0.44 -8.46 16.07
CA LEU A 68 -1.07 -7.16 15.88
C LEU A 68 -0.06 -6.08 16.19
N PRO A 69 0.31 -5.22 15.26
CA PRO A 69 1.38 -4.26 15.54
C PRO A 69 0.97 -3.28 16.60
N PRO A 70 1.92 -2.73 17.36
CA PRO A 70 1.56 -1.76 18.41
C PRO A 70 0.72 -0.59 17.92
N TRP A 71 0.93 -0.11 16.69
CA TRP A 71 0.16 1.06 16.26
C TRP A 71 -1.32 0.73 16.09
N LEU A 72 -1.65 -0.54 15.88
CA LEU A 72 -3.05 -0.98 15.87
C LEU A 72 -3.56 -1.38 17.24
N GLN A 73 -2.68 -1.72 18.18
CA GLN A 73 -3.11 -1.94 19.56
C GLN A 73 -3.44 -0.63 20.27
N ASP A 74 -2.90 0.48 19.80
CA ASP A 74 -2.96 1.76 20.50
C ASP A 74 -4.40 2.27 20.55
N PRO A 75 -5.00 2.45 21.71
CA PRO A 75 -6.38 2.99 21.75
C PRO A 75 -6.52 4.33 21.06
N GLU A 76 -5.43 5.10 20.95
CA GLU A 76 -5.47 6.39 20.25
C GLU A 76 -5.95 6.24 18.82
N LEU A 77 -5.73 5.09 18.20
CA LEU A 77 -6.10 4.91 16.80
C LEU A 77 -7.58 5.19 16.58
N MET A 78 -8.44 4.72 17.47
CA MET A 78 -9.88 4.93 17.29
C MET A 78 -10.30 6.35 17.58
N LEU A 79 -9.50 7.07 18.38
CA LEU A 79 -9.78 8.46 18.72
C LEU A 79 -9.34 9.43 17.63
N LEU A 80 -8.52 8.97 16.70
CA LEU A 80 -7.90 9.86 15.73
C LEU A 80 -8.92 10.56 14.84
N PRO A 81 -9.93 9.88 14.29
CA PRO A 81 -10.86 10.59 13.39
C PRO A 81 -11.53 11.80 14.01
N GLU A 82 -12.06 11.66 15.23
CA GLU A 82 -12.70 12.81 15.88
C GLU A 82 -11.68 13.92 16.16
N LYS A 83 -10.49 13.55 16.66
CA LYS A 83 -9.49 14.55 17.00
C LYS A 83 -8.99 15.29 15.77
N LEU A 84 -8.73 14.56 14.69
CA LEU A 84 -8.19 15.20 13.49
C LEU A 84 -9.24 16.06 12.82
N ILE A 85 -10.44 15.50 12.62
CA ILE A 85 -11.47 16.20 11.86
C ILE A 85 -11.98 17.40 12.63
N SER A 86 -12.07 17.29 13.95
CA SER A 86 -12.48 18.44 14.77
CA SER A 86 -12.47 18.44 14.76
C SER A 86 -11.46 19.57 14.64
N LYS A 87 -10.18 19.23 14.61
CA LYS A 87 -9.14 20.25 14.54
C LYS A 87 -8.99 20.81 13.13
N TYR A 88 -9.15 19.96 12.11
CA TYR A 88 -8.91 20.34 10.73
C TYR A 88 -10.19 20.15 9.91
N ASN A 89 -11.04 21.17 9.89
CA ASN A 89 -12.38 21.01 9.32
C ASN A 89 -12.34 20.78 7.81
N TRP A 90 -11.23 21.15 7.14
CA TRP A 90 -11.14 20.90 5.70
C TRP A 90 -11.10 19.42 5.38
N ILE A 91 -10.83 18.55 6.36
CA ILE A 91 -10.82 17.11 6.09
C ILE A 91 -12.20 16.64 5.64
N LYS A 92 -13.26 17.40 5.95
CA LYS A 92 -14.59 17.04 5.50
C LYS A 92 -14.74 17.15 3.98
N GLN A 93 -13.75 17.73 3.30
CA GLN A 93 -13.69 17.65 1.85
C GLN A 93 -13.40 16.23 1.36
N TRP A 94 -13.19 15.30 2.28
CA TRP A 94 -12.95 13.90 1.94
C TRP A 94 -14.02 13.35 1.02
N LYS A 95 -13.58 12.65 -0.04
CA LYS A 95 -14.46 11.97 -0.96
C LYS A 95 -14.37 10.47 -0.68
N LEU A 96 -15.52 9.86 -0.35
CA LEU A 96 -15.55 8.43 -0.05
C LEU A 96 -15.58 7.62 -1.33
N GLY A 97 -14.89 6.48 -1.32
CA GLY A 97 -14.83 5.60 -2.47
C GLY A 97 -16.21 5.12 -2.91
N ASP A 106 -21.91 10.67 9.76
CA ASP A 106 -21.02 11.65 9.16
C ASP A 106 -19.65 11.04 8.91
N LEU A 107 -18.66 11.88 8.58
CA LEU A 107 -17.36 11.38 8.17
C LEU A 107 -16.64 10.70 9.32
N VAL A 108 -16.66 11.30 10.51
CA VAL A 108 -15.96 10.71 11.65
C VAL A 108 -16.40 9.27 11.86
N ASP A 109 -17.71 9.03 11.88
CA ASP A 109 -18.21 7.69 12.15
C ASP A 109 -17.79 6.70 11.06
N LYS A 110 -17.81 7.15 9.80
CA LYS A 110 -17.44 6.27 8.70
C LYS A 110 -15.99 5.87 8.79
N ILE A 111 -15.11 6.83 9.05
CA ILE A 111 -13.67 6.54 9.18
C ILE A 111 -13.43 5.68 10.41
N LYS A 112 -14.12 5.97 11.51
CA LYS A 112 -13.93 5.15 12.70
C LYS A 112 -14.37 3.72 12.46
N GLU A 113 -15.48 3.53 11.74
CA GLU A 113 -15.91 2.19 11.36
C GLU A 113 -14.85 1.50 10.51
N SER A 114 -14.23 2.22 9.59
CA SER A 114 -13.20 1.62 8.75
C SER A 114 -11.97 1.24 9.56
N LEU A 115 -11.54 2.11 10.47
CA LEU A 115 -10.39 1.79 11.31
C LEU A 115 -10.68 0.63 12.26
N THR A 116 -11.88 0.57 12.80
CA THR A 116 -12.25 -0.56 13.67
C THR A 116 -12.21 -1.86 12.88
N LEU A 117 -12.65 -1.81 11.63
CA LEU A 117 -12.61 -2.99 10.77
C LEU A 117 -11.18 -3.42 10.50
N LEU A 118 -10.32 -2.47 10.12
CA LEU A 118 -8.93 -2.78 9.88
C LEU A 118 -8.31 -3.46 11.09
N ARG A 119 -8.54 -2.90 12.28
CA ARG A 119 -7.97 -3.46 13.51
C ARG A 119 -8.51 -4.86 13.79
N LYS A 120 -9.83 -5.04 13.64
CA LYS A 120 -10.45 -6.33 13.93
C LYS A 120 -9.98 -7.40 12.95
N LYS A 121 -9.97 -7.08 11.66
CA LYS A 121 -9.54 -8.05 10.66
C LYS A 121 -8.06 -8.41 10.84
N TRP A 122 -7.22 -7.42 11.13
CA TRP A 122 -5.81 -7.70 11.36
C TRP A 122 -5.62 -8.58 12.58
N ALA A 123 -6.33 -8.28 13.68
CA ALA A 123 -6.20 -9.07 14.88
C ALA A 123 -6.63 -10.51 14.64
N GLY A 124 -7.71 -10.70 13.87
CA GLY A 124 -8.18 -12.04 13.59
C GLY A 124 -7.18 -12.86 12.79
N LEU A 125 -6.54 -12.22 11.80
CA LEU A 125 -5.51 -12.90 11.02
C LEU A 125 -4.30 -13.26 11.89
N ALA A 126 -3.90 -12.35 12.79
CA ALA A 126 -2.78 -12.63 13.66
C ALA A 126 -3.08 -13.77 14.63
N GLU A 127 -4.35 -14.03 14.90
CA GLU A 127 -4.76 -15.11 15.81
CA GLU A 127 -4.72 -15.11 15.82
C GLU A 127 -4.60 -16.49 15.18
N MET A 128 -4.51 -16.57 13.87
CA MET A 128 -4.54 -17.86 13.18
C MET A 128 -3.21 -18.59 13.29
N ARG A 129 -3.31 -19.92 13.38
CA ARG A 129 -2.13 -20.76 13.61
C ARG A 129 -1.24 -20.86 12.38
N THR A 130 -1.81 -20.85 11.17
CA THR A 130 -1.07 -21.19 9.97
C THR A 130 -1.21 -20.11 8.91
N ALA A 131 -0.19 -20.01 8.06
CA ALA A 131 -0.26 -19.12 6.91
C ALA A 131 -1.41 -19.48 5.99
N GLU A 132 -1.77 -20.77 5.90
CA GLU A 132 -2.86 -21.18 5.02
C GLU A 132 -4.19 -20.64 5.51
N ALA A 133 -4.44 -20.76 6.82
CA ALA A 133 -5.66 -20.17 7.38
C ALA A 133 -5.71 -18.67 7.12
N ARG A 134 -4.58 -17.97 7.24
CA ARG A 134 -4.55 -16.55 6.93
C ARG A 134 -4.84 -16.30 5.46
N GLN A 135 -4.27 -17.09 4.56
CA GLN A 135 -4.50 -16.86 3.13
CA GLN A 135 -4.49 -16.86 3.13
C GLN A 135 -5.96 -17.08 2.77
N ILE A 136 -6.58 -18.12 3.33
CA ILE A 136 -8.00 -18.35 3.08
C ILE A 136 -8.82 -17.15 3.51
N ALA A 137 -8.53 -16.63 4.70
CA ALA A 137 -9.27 -15.50 5.23
C ALA A 137 -9.02 -14.25 4.39
N CYS A 138 -7.79 -14.03 3.97
CA CYS A 138 -7.49 -12.89 3.09
C CYS A 138 -8.16 -13.04 1.73
N ASP A 139 -8.13 -14.25 1.17
CA ASP A 139 -8.82 -14.50 -0.10
C ASP A 139 -10.31 -14.21 0.02
N GLU A 140 -10.90 -14.31 1.21
CA GLU A 140 -12.30 -13.95 1.40
CA GLU A 140 -12.30 -13.95 1.37
C GLU A 140 -12.47 -12.46 1.60
N LEU A 141 -11.48 -11.80 2.20
CA LEU A 141 -11.59 -10.39 2.52
C LEU A 141 -11.45 -9.53 1.27
N PHE A 142 -10.59 -9.93 0.35
CA PHE A 142 -10.28 -9.13 -0.84
C PHE A 142 -11.10 -9.63 -2.03
N THR A 143 -12.42 -9.47 -1.89
CA THR A 143 -13.37 -9.91 -2.89
C THR A 143 -14.25 -8.75 -3.37
N ASN A 144 -13.68 -7.54 -3.45
CA ASN A 144 -14.30 -6.40 -4.13
C ASN A 144 -15.61 -5.98 -3.47
N GLU A 145 -15.81 -6.29 -2.20
CA GLU A 145 -17.00 -5.86 -1.49
C GLU A 145 -16.67 -4.67 -0.58
N ALA A 146 -17.68 -4.22 0.17
CA ALA A 146 -17.51 -3.01 0.96
C ALA A 146 -16.40 -3.14 2.00
N GLU A 147 -16.20 -4.34 2.55
CA GLU A 147 -15.17 -4.50 3.58
C GLU A 147 -13.78 -4.22 3.02
N GLU A 148 -13.49 -4.70 1.80
CA GLU A 148 -12.20 -4.40 1.19
C GLU A 148 -11.98 -2.90 1.06
N TYR A 149 -12.95 -2.20 0.48
CA TYR A 149 -12.74 -0.78 0.20
C TYR A 149 -12.74 0.05 1.48
N SER A 150 -13.39 -0.42 2.54
CA SER A 150 -13.29 0.24 3.83
CA SER A 150 -13.29 0.25 3.83
C SER A 150 -11.86 0.22 4.36
N LEU A 151 -11.13 -0.86 4.11
CA LEU A 151 -9.74 -0.93 4.54
C LEU A 151 -8.92 0.19 3.91
N TYR A 152 -9.18 0.51 2.64
CA TYR A 152 -8.42 1.56 1.98
C TYR A 152 -8.77 2.93 2.53
N GLU A 153 -10.03 3.13 2.94
CA GLU A 153 -10.37 4.42 3.55
C GLU A 153 -9.60 4.60 4.85
N ALA A 154 -9.50 3.54 5.65
CA ALA A 154 -8.72 3.60 6.88
C ALA A 154 -7.26 3.93 6.59
N VAL A 155 -6.64 3.22 5.66
CA VAL A 155 -5.21 3.45 5.40
C VAL A 155 -4.99 4.83 4.81
N LYS A 156 -5.87 5.26 3.91
CA LYS A 156 -5.75 6.61 3.37
C LYS A 156 -5.83 7.64 4.49
N PHE A 157 -6.70 7.40 5.48
CA PHE A 157 -6.79 8.34 6.58
C PHE A 157 -5.50 8.38 7.39
N LEU A 158 -4.88 7.21 7.61
CA LEU A 158 -3.61 7.20 8.34
C LEU A 158 -2.49 7.87 7.54
N MET A 159 -2.53 7.74 6.21
CA MET A 159 -1.59 8.48 5.38
C MET A 159 -1.78 9.99 5.55
N LEU A 160 -3.04 10.45 5.54
CA LEU A 160 -3.29 11.86 5.76
C LEU A 160 -2.80 12.30 7.13
N ASN A 161 -3.03 11.48 8.15
CA ASN A 161 -2.59 11.85 9.49
C ASN A 161 -1.07 11.96 9.56
N ARG A 162 -0.35 10.99 8.99
CA ARG A 162 1.11 11.07 8.99
C ARG A 162 1.58 12.28 8.19
N ALA A 163 0.87 12.63 7.12
CA ALA A 163 1.26 13.79 6.33
C ALA A 163 1.07 15.08 7.12
N ILE A 164 -0.04 15.20 7.85
CA ILE A 164 -0.26 16.37 8.72
C ILE A 164 0.85 16.47 9.76
N GLU A 165 1.20 15.36 10.40
CA GLU A 165 2.25 15.38 11.41
C GLU A 165 3.59 15.80 10.81
N LEU A 166 3.93 15.28 9.62
CA LEU A 166 5.19 15.66 9.00
C LEU A 166 5.17 17.13 8.57
N TYR A 167 4.03 17.60 8.07
CA TYR A 167 3.92 18.98 7.66
C TYR A 167 4.07 19.91 8.86
N ASN A 168 3.37 19.60 9.96
CA ASN A 168 3.45 20.43 11.15
C ASN A 168 4.86 20.42 11.73
N ASP A 169 5.53 19.27 11.72
CA ASP A 169 6.92 19.22 12.18
C ASP A 169 7.79 20.15 11.37
N LYS A 170 7.67 20.09 10.04
CA LYS A 170 8.51 20.93 9.19
C LYS A 170 8.22 22.42 9.42
N GLU A 171 6.97 22.77 9.70
CA GLU A 171 6.65 24.15 10.06
C GLU A 171 7.38 24.57 11.34
N LYS A 172 7.43 23.68 12.32
CA LYS A 172 8.13 23.95 13.57
C LYS A 172 9.65 23.90 13.42
N GLY A 173 10.16 23.62 12.23
CA GLY A 173 11.60 23.50 12.06
C GLY A 173 12.18 22.23 12.65
N LYS A 174 11.37 21.21 12.89
CA LYS A 174 11.89 19.94 13.37
C LYS A 174 12.42 19.12 12.20
N GLU A 175 13.28 18.16 12.52
CA GLU A 175 13.80 17.26 11.50
C GLU A 175 12.69 16.39 10.94
N VAL A 176 12.64 16.27 9.62
CA VAL A 176 11.69 15.39 8.94
C VAL A 176 12.43 14.58 7.88
N PRO A 177 11.95 13.39 7.51
CA PRO A 177 12.57 12.66 6.41
C PRO A 177 12.43 13.43 5.11
N PHE A 178 13.45 13.32 4.25
CA PHE A 178 13.45 14.16 3.06
C PHE A 178 12.33 13.80 2.09
N PHE A 179 11.81 12.56 2.11
CA PHE A 179 10.72 12.27 1.20
C PHE A 179 9.54 13.21 1.45
N SER A 180 9.36 13.66 2.69
CA SER A 180 8.24 14.54 2.99
C SER A 180 8.46 15.93 2.42
N VAL A 181 9.72 16.37 2.34
CA VAL A 181 10.05 17.60 1.62
C VAL A 181 9.66 17.48 0.15
N LEU A 182 10.02 16.35 -0.47
CA LEU A 182 9.65 16.11 -1.86
C LEU A 182 8.14 15.97 -2.02
N LEU A 183 7.47 15.36 -1.03
CA LEU A 183 6.03 15.22 -1.14
C LEU A 183 5.36 16.58 -1.21
N PHE A 184 5.75 17.49 -0.33
CA PHE A 184 5.12 18.81 -0.26
C PHE A 184 5.74 19.80 -1.24
N ALA A 185 6.81 19.43 -1.94
CA ALA A 185 7.36 20.29 -2.98
C ALA A 185 6.53 20.24 -4.27
N ARG A 186 5.68 19.23 -4.44
CA ARG A 186 4.86 19.14 -5.63
C ARG A 186 3.82 20.26 -5.64
N ASP A 187 3.67 20.92 -6.78
CA ASP A 187 2.78 22.07 -6.82
C ASP A 187 1.32 21.71 -6.58
N THR A 188 0.94 20.44 -6.77
CA THR A 188 -0.41 19.98 -6.46
C THR A 188 -0.55 19.44 -5.03
N SER A 189 0.49 19.52 -4.22
CA SER A 189 0.50 18.88 -2.92
C SER A 189 1.30 19.70 -1.93
N ASN A 190 1.16 21.03 -1.99
CA ASN A 190 1.99 21.90 -1.17
CA ASN A 190 1.99 21.91 -1.17
C ASN A 190 1.65 21.83 0.32
N ASP A 191 0.45 21.40 0.66
CA ASP A 191 0.08 21.22 2.06
C ASP A 191 -0.88 20.06 2.15
N PRO A 192 -1.25 19.65 3.37
CA PRO A 192 -2.07 18.44 3.51
C PRO A 192 -3.43 18.53 2.85
N GLY A 193 -4.03 19.73 2.79
CA GLY A 193 -5.31 19.85 2.09
C GLY A 193 -5.20 19.60 0.61
N GLN A 194 -4.14 20.11 -0.02
CA GLN A 194 -3.91 19.83 -1.43
C GLN A 194 -3.62 18.35 -1.64
N LEU A 195 -2.89 17.73 -0.73
CA LEU A 195 -2.69 16.29 -0.81
C LEU A 195 -4.01 15.56 -0.79
N LEU A 196 -4.90 15.94 0.13
CA LEU A 196 -6.22 15.30 0.18
C LEU A 196 -7.01 15.56 -1.09
N ARG A 197 -7.13 16.83 -1.49
CA ARG A 197 -8.03 17.17 -2.58
C ARG A 197 -7.51 16.65 -3.91
N ASN A 198 -6.19 16.72 -4.12
CA ASN A 198 -5.61 16.46 -5.43
C ASN A 198 -5.00 15.08 -5.58
N HIS A 199 -4.80 14.34 -4.48
CA HIS A 199 -4.15 13.04 -4.60
C HIS A 199 -4.93 11.93 -3.91
N LEU A 200 -5.26 12.08 -2.62
CA LEU A 200 -5.98 11.00 -1.95
C LEU A 200 -7.41 10.86 -2.47
N ASN A 201 -8.07 11.97 -2.83
CA ASN A 201 -9.46 11.96 -3.29
C ASN A 201 -9.63 11.52 -4.75
N GLN A 202 -8.57 11.12 -5.44
CA GLN A 202 -8.49 11.26 -6.90
C GLN A 202 -9.55 10.46 -7.68
N VAL A 203 -9.60 10.76 -8.99
CA VAL A 203 -10.63 10.30 -9.92
C VAL A 203 -10.32 8.89 -10.38
N ARG A 204 -11.38 8.09 -10.57
CA ARG A 204 -11.23 6.71 -11.03
C ARG A 204 -10.49 6.64 -12.36
N HIS A 205 -9.74 5.54 -12.55
CA HIS A 205 -9.03 5.20 -13.77
C HIS A 205 -7.87 6.14 -14.09
N THR A 206 -7.58 7.12 -13.22
CA THR A 206 -6.45 8.02 -13.40
C THR A 206 -5.50 8.05 -12.21
N GLY A 207 -5.97 7.70 -11.02
CA GLY A 207 -5.22 7.93 -9.80
C GLY A 207 -4.12 6.92 -9.53
N GLY A 208 -4.07 6.45 -8.29
CA GLY A 208 -2.98 5.60 -7.83
C GLY A 208 -1.87 6.40 -7.18
N LEU A 209 -1.23 5.78 -6.18
CA LEU A 209 -0.16 6.42 -5.44
C LEU A 209 1.05 6.65 -6.33
N GLU A 210 1.60 7.86 -6.25
CA GLU A 210 2.86 8.18 -6.88
C GLU A 210 4.02 7.70 -6.01
N GLN A 211 5.22 7.72 -6.60
CA GLN A 211 6.41 7.21 -5.91
C GLN A 211 6.58 7.79 -4.53
N VAL A 212 6.47 9.12 -4.42
CA VAL A 212 6.72 9.76 -3.14
C VAL A 212 5.67 9.36 -2.12
N GLU A 213 4.47 9.00 -2.57
CA GLU A 213 3.41 8.56 -1.67
C GLU A 213 3.62 7.13 -1.19
N MET A 214 4.50 6.36 -1.82
CA MET A 214 4.82 5.04 -1.30
C MET A 214 5.59 5.14 0.01
N PHE A 215 6.44 6.17 0.14
CA PHE A 215 7.06 6.45 1.44
C PHE A 215 6.01 6.75 2.49
N LEU A 216 5.01 7.54 2.13
CA LEU A 216 3.95 7.90 3.08
C LEU A 216 3.13 6.68 3.48
N LEU A 217 2.82 5.81 2.52
CA LEU A 217 2.13 4.55 2.82
C LEU A 217 2.93 3.71 3.81
N ALA A 218 4.22 3.51 3.54
CA ALA A 218 5.07 2.73 4.43
C ALA A 218 5.04 3.29 5.85
N TYR A 219 5.12 4.62 5.98
CA TYR A 219 5.07 5.24 7.30
C TYR A 219 3.70 5.03 7.96
N ALA A 220 2.65 5.07 7.17
CA ALA A 220 1.31 5.00 7.75
C ALA A 220 1.00 3.62 8.32
N VAL A 221 1.50 2.55 7.70
CA VAL A 221 1.25 1.20 8.19
C VAL A 221 2.49 0.58 8.84
N ARG A 222 3.58 1.35 8.99
CA ARG A 222 4.82 0.88 9.60
CA ARG A 222 4.80 0.86 9.62
C ARG A 222 5.23 -0.48 9.03
N HIS A 223 5.29 -0.55 7.71
CA HIS A 223 5.86 -1.69 7.02
C HIS A 223 6.95 -1.19 6.08
N THR A 224 8.00 -1.99 5.96
CA THR A 224 9.04 -1.76 4.96
C THR A 224 8.60 -2.39 3.65
N ILE A 225 8.50 -1.59 2.60
CA ILE A 225 7.99 -2.04 1.31
C ILE A 225 9.18 -2.17 0.36
N GLN A 226 9.48 -3.41 -0.03
CA GLN A 226 10.58 -3.71 -0.95
C GLN A 226 10.00 -3.95 -2.34
N VAL A 227 10.32 -3.08 -3.30
CA VAL A 227 9.69 -3.10 -4.61
C VAL A 227 10.73 -3.40 -5.69
N TYR A 228 10.54 -4.50 -6.40
CA TYR A 228 11.25 -4.72 -7.66
C TYR A 228 10.65 -3.81 -8.72
N ARG A 229 11.41 -2.81 -9.16
CA ARG A 229 10.96 -1.84 -10.16
C ARG A 229 11.56 -2.23 -11.51
N LEU A 230 10.79 -2.98 -12.29
CA LEU A 230 11.36 -3.64 -13.46
C LEU A 230 11.71 -2.64 -14.56
N SER A 231 11.01 -1.50 -14.62
CA SER A 231 11.40 -0.46 -15.57
C SER A 231 12.72 0.19 -15.21
N LYS A 232 13.30 -0.14 -14.05
CA LYS A 232 14.59 0.36 -13.59
C LYS A 232 15.64 -0.76 -13.52
N TYR A 233 15.42 -1.85 -14.24
CA TYR A 233 16.21 -3.08 -14.07
C TYR A 233 17.72 -2.82 -14.17
N ASN A 234 18.16 -2.10 -15.19
CA ASN A 234 19.61 -1.89 -15.38
C ASN A 234 20.12 -0.67 -14.65
N THR A 235 19.59 -0.41 -13.45
CA THR A 235 19.99 0.72 -12.64
C THR A 235 19.98 0.28 -11.18
N GLU A 236 20.53 1.14 -10.32
CA GLU A 236 20.52 0.83 -8.90
C GLU A 236 19.12 0.86 -8.30
N GLU A 237 18.13 1.40 -9.01
CA GLU A 237 16.74 1.38 -8.54
C GLU A 237 16.01 0.08 -8.89
N PHE A 238 16.72 -0.93 -9.42
CA PHE A 238 16.05 -2.18 -9.74
C PHE A 238 15.21 -2.70 -8.57
N ILE A 239 15.65 -2.39 -7.35
CA ILE A 239 14.84 -2.45 -6.14
C ILE A 239 14.88 -1.08 -5.50
N THR A 240 13.74 -0.60 -5.04
CA THR A 240 13.69 0.53 -4.12
C THR A 240 12.95 0.07 -2.86
N VAL A 241 13.48 0.46 -1.70
CA VAL A 241 12.89 0.15 -0.41
C VAL A 241 12.28 1.43 0.13
N TYR A 242 11.04 1.33 0.59
CA TYR A 242 10.31 2.43 1.20
C TYR A 242 10.03 2.09 2.66
N PRO A 243 10.45 2.92 3.62
CA PRO A 243 11.35 4.05 3.49
C PRO A 243 12.77 3.53 3.36
N THR A 244 13.73 4.42 3.18
CA THR A 244 15.10 3.97 2.93
C THR A 244 15.72 3.31 4.16
N ASP A 245 15.54 3.91 5.33
CA ASP A 245 16.13 3.40 6.57
C ASP A 245 15.04 3.23 7.62
N PRO A 246 14.21 2.21 7.49
CA PRO A 246 13.13 1.98 8.44
C PRO A 246 13.67 1.40 9.73
N PRO A 247 12.92 1.51 10.82
CA PRO A 247 13.23 0.70 12.00
C PRO A 247 13.35 -0.76 11.62
N LYS A 248 14.33 -1.44 12.23
CA LYS A 248 14.58 -2.84 11.90
C LYS A 248 13.42 -3.74 12.30
N ASP A 249 12.53 -3.28 13.18
CA ASP A 249 11.41 -4.10 13.63
C ASP A 249 10.20 -4.01 12.70
N TRP A 250 10.18 -3.10 11.74
CA TRP A 250 9.02 -3.04 10.84
C TRP A 250 9.00 -4.27 9.95
N PRO A 251 7.86 -4.93 9.79
CA PRO A 251 7.82 -6.09 8.88
C PRO A 251 8.06 -5.67 7.44
N VAL A 252 8.58 -6.62 6.66
CA VAL A 252 8.90 -6.37 5.25
C VAL A 252 7.84 -7.01 4.38
N VAL A 253 7.33 -6.26 3.40
CA VAL A 253 6.51 -6.82 2.33
C VAL A 253 7.17 -6.52 0.99
N THR A 254 7.08 -7.47 0.06
CA THR A 254 7.74 -7.36 -1.24
C THR A 254 6.69 -7.22 -2.33
N LEU A 255 6.89 -6.24 -3.22
CA LEU A 255 6.02 -6.01 -4.37
C LEU A 255 6.85 -6.01 -5.65
N ILE A 256 6.16 -6.14 -6.80
CA ILE A 256 6.74 -5.96 -8.12
C ILE A 256 5.97 -4.85 -8.83
N ALA A 257 6.71 -3.90 -9.41
CA ALA A 257 6.12 -2.84 -10.23
C ALA A 257 6.80 -2.83 -11.60
N GLU A 258 6.05 -3.14 -12.67
CA GLU A 258 6.60 -3.04 -14.01
C GLU A 258 6.82 -1.60 -14.42
N ASP A 259 5.98 -0.70 -13.94
CA ASP A 259 6.11 0.73 -14.09
C ASP A 259 5.88 1.29 -12.70
N ASP A 260 6.00 2.59 -12.52
CA ASP A 260 5.93 3.10 -11.15
C ASP A 260 4.50 3.40 -10.73
N ARG A 261 3.53 2.64 -11.24
CA ARG A 261 2.11 2.82 -10.95
C ARG A 261 1.41 1.53 -10.55
N HIS A 262 1.65 0.42 -11.24
CA HIS A 262 0.90 -0.82 -11.00
CA HIS A 262 0.91 -0.81 -11.01
C HIS A 262 1.80 -1.85 -10.33
N TYR A 263 1.26 -2.47 -9.28
CA TYR A 263 1.99 -3.40 -8.43
C TYR A 263 1.34 -4.77 -8.47
N ASN A 264 2.17 -5.81 -8.57
CA ASN A 264 1.72 -7.18 -8.34
C ASN A 264 2.47 -7.75 -7.15
N ILE A 265 2.08 -8.96 -6.74
CA ILE A 265 2.52 -9.58 -5.49
CA ILE A 265 2.53 -9.58 -5.50
C ILE A 265 3.33 -10.83 -5.82
N PRO A 266 4.64 -10.87 -5.53
CA PRO A 266 5.35 -12.14 -5.60
C PRO A 266 5.12 -12.96 -4.34
N VAL A 267 4.99 -14.27 -4.51
CA VAL A 267 4.75 -15.13 -3.35
C VAL A 267 5.62 -16.37 -3.44
N ARG A 268 5.87 -16.95 -2.27
CA ARG A 268 6.54 -18.26 -2.19
C ARG A 268 5.90 -19.10 -1.10
C1 GOL B . -4.35 23.47 4.31
O1 GOL B . -3.71 22.25 4.55
C2 GOL B . -5.51 23.14 3.37
O2 GOL B . -5.13 23.10 2.01
C3 GOL B . -6.59 24.19 3.61
O3 GOL B . -7.69 23.72 2.92
C1 GOL C . -4.17 22.63 8.28
O1 GOL C . -3.92 23.70 9.16
C2 GOL C . -2.82 22.16 7.67
O2 GOL C . -2.29 23.10 6.78
C3 GOL C . -1.89 21.89 8.90
O3 GOL C . -1.54 20.54 8.82
C1 GOL D . 2.44 -7.06 -26.10
O1 GOL D . 1.89 -7.60 -24.94
C2 GOL D . 3.86 -7.68 -26.29
O2 GOL D . 4.05 -8.78 -25.45
C3 GOL D . 4.90 -6.57 -26.00
O3 GOL D . 5.68 -7.03 -24.94
C1 GOL E . -4.93 5.94 -4.22
O1 GOL E . -5.10 4.65 -3.70
C2 GOL E . -6.29 6.68 -4.07
O2 GOL E . -6.21 7.68 -3.10
C3 GOL E . -6.64 7.24 -5.47
O3 GOL E . -8.03 7.44 -5.50
CL CL F . -0.23 -19.23 -22.97
#